data_1RDM
#
_entry.id   1RDM
#
_cell.length_a   60.600
_cell.length_b   75.400
_cell.length_c   57.400
_cell.angle_alpha   90.00
_cell.angle_beta   90.00
_cell.angle_gamma   90.00
#
_symmetry.space_group_name_H-M   'P 21 21 21'
#
loop_
_entity.id
_entity.type
_entity.pdbx_description
1 polymer 'MANNOSE-BINDING PROTEIN-C'
2 non-polymer 'methyl alpha-D-mannopyranoside'
3 non-polymer 'CALCIUM ION'
4 non-polymer 'CHLORIDE ION'
5 water water
#
_entity_poly.entity_id   1
_entity_poly.type   'polypeptide(L)'
_entity_poly.pdbx_seq_one_letter_code
;KKYFMSSVRRMPLNRAKALCSELQGTVATPRNAEENRAIQNVAKDVAFLGITDQRTENVFEDLTGNRVRYTNWNEGEPNN
VGSGENCVVLLTNGKWNDVPCSDSFLVVCEFSD
;
_entity_poly.pdbx_strand_id   1,2
#
loop_
_chem_comp.id
_chem_comp.type
_chem_comp.name
_chem_comp.formula
CA non-polymer 'CALCIUM ION' 'Ca 2'
CL non-polymer 'CHLORIDE ION' 'Cl -1'
MMA D-saccharide 'methyl alpha-D-mannopyranoside' 'C7 H14 O6'
#
# COMPACT_ATOMS: atom_id res chain seq x y z
N LYS A 2 -0.27 14.44 -2.15
CA LYS A 2 0.04 13.06 -2.64
C LYS A 2 1.20 12.45 -1.89
N TYR A 3 1.10 11.15 -1.59
CA TYR A 3 2.14 10.39 -0.92
C TYR A 3 2.46 9.30 -1.93
N PHE A 4 3.74 8.98 -2.06
CA PHE A 4 4.19 7.97 -3.01
C PHE A 4 4.93 6.85 -2.27
N MET A 5 4.62 5.60 -2.61
CA MET A 5 5.27 4.43 -2.00
C MET A 5 5.68 3.46 -3.11
N SER A 6 6.84 2.83 -2.94
CA SER A 6 7.32 1.89 -3.93
C SER A 6 7.23 0.45 -3.44
N SER A 7 6.99 -0.46 -4.37
CA SER A 7 6.93 -1.88 -4.05
C SER A 7 8.37 -2.36 -4.02
N VAL A 8 8.58 -3.57 -3.52
CA VAL A 8 9.92 -4.12 -3.48
C VAL A 8 10.06 -5.17 -4.58
N ARG A 9 8.93 -5.72 -5.01
CA ARG A 9 8.94 -6.75 -6.04
C ARG A 9 8.40 -6.25 -7.36
N ARG A 10 8.81 -6.91 -8.45
CA ARG A 10 8.38 -6.54 -9.79
C ARG A 10 7.15 -7.36 -10.15
N MET A 11 6.29 -6.77 -10.96
CA MET A 11 5.05 -7.40 -11.40
C MET A 11 4.55 -6.63 -12.63
N PRO A 12 3.68 -7.27 -13.44
CA PRO A 12 3.14 -6.61 -14.63
C PRO A 12 2.11 -5.54 -14.21
N LEU A 13 1.61 -4.77 -15.16
CA LEU A 13 0.65 -3.70 -14.87
C LEU A 13 -0.62 -4.14 -14.15
N ASN A 14 -1.25 -5.22 -14.60
CA ASN A 14 -2.49 -5.69 -13.97
C ASN A 14 -2.29 -5.93 -12.48
N ARG A 15 -1.18 -6.55 -12.12
CA ARG A 15 -0.88 -6.84 -10.73
C ARG A 15 -0.48 -5.54 -9.99
N ALA A 16 0.16 -4.62 -10.72
CA ALA A 16 0.56 -3.33 -10.17
C ALA A 16 -0.68 -2.48 -9.82
N LYS A 17 -1.68 -2.53 -10.69
CA LYS A 17 -2.91 -1.81 -10.47
C LYS A 17 -3.67 -2.41 -9.29
N ALA A 18 -3.65 -3.74 -9.20
CA ALA A 18 -4.33 -4.45 -8.12
C ALA A 18 -3.72 -4.08 -6.77
N LEU A 19 -2.39 -4.03 -6.70
CA LEU A 19 -1.68 -3.67 -5.48
C LEU A 19 -2.05 -2.28 -4.96
N CYS A 20 -1.88 -1.25 -5.79
CA CYS A 20 -2.20 0.11 -5.40
C CYS A 20 -3.67 0.25 -5.02
N SER A 21 -4.54 -0.39 -5.80
CA SER A 21 -5.98 -0.36 -5.55
C SER A 21 -6.37 -1.04 -4.25
N GLU A 22 -5.62 -2.06 -3.85
CA GLU A 22 -5.89 -2.77 -2.62
C GLU A 22 -5.87 -1.83 -1.41
N LEU A 23 -4.98 -0.84 -1.43
CA LEU A 23 -4.88 0.11 -0.34
C LEU A 23 -5.54 1.43 -0.70
N GLN A 24 -6.45 1.34 -1.67
CA GLN A 24 -7.26 2.46 -2.15
C GLN A 24 -6.47 3.64 -2.71
N GLY A 25 -5.42 3.32 -3.46
CA GLY A 25 -4.59 4.31 -4.10
C GLY A 25 -4.58 3.96 -5.58
N THR A 26 -3.66 4.53 -6.34
CA THR A 26 -3.57 4.23 -7.75
C THR A 26 -2.10 4.25 -8.15
N VAL A 27 -1.77 3.69 -9.31
CA VAL A 27 -0.40 3.69 -9.79
C VAL A 27 -0.02 5.17 -9.98
N ALA A 28 1.14 5.56 -9.45
CA ALA A 28 1.60 6.94 -9.52
C ALA A 28 1.69 7.59 -10.90
N THR A 29 1.11 8.78 -11.02
CA THR A 29 1.12 9.54 -12.27
C THR A 29 1.71 10.93 -11.97
N PRO A 30 2.96 11.19 -12.39
CA PRO A 30 3.52 12.52 -12.11
C PRO A 30 2.83 13.61 -12.95
N ARG A 31 2.41 14.69 -12.30
CA ARG A 31 1.73 15.78 -13.01
C ARG A 31 2.66 16.95 -13.30
N ASN A 32 3.86 16.89 -12.73
CA ASN A 32 4.86 17.92 -12.93
C ASN A 32 6.23 17.35 -12.57
N ALA A 33 7.26 18.15 -12.80
CA ALA A 33 8.66 17.77 -12.54
C ALA A 33 8.95 17.43 -11.08
N GLU A 34 8.27 18.11 -10.17
CA GLU A 34 8.45 17.91 -8.74
C GLU A 34 7.92 16.53 -8.31
N GLU A 35 6.76 16.15 -8.81
CA GLU A 35 6.20 14.83 -8.50
C GLU A 35 7.01 13.75 -9.20
N ASN A 36 7.51 14.05 -10.40
CA ASN A 36 8.32 13.08 -11.15
C ASN A 36 9.55 12.71 -10.32
N ARG A 37 10.21 13.72 -9.76
CA ARG A 37 11.40 13.53 -8.95
C ARG A 37 11.09 12.73 -7.67
N ALA A 38 9.96 13.02 -7.03
CA ALA A 38 9.57 12.32 -5.81
C ALA A 38 9.36 10.82 -6.07
N ILE A 39 8.69 10.52 -7.17
CA ILE A 39 8.42 9.13 -7.57
C ILE A 39 9.74 8.43 -7.92
N GLN A 40 10.62 9.15 -8.61
CA GLN A 40 11.92 8.60 -8.98
C GLN A 40 12.67 8.20 -7.70
N ASN A 41 12.67 9.11 -6.73
CA ASN A 41 13.36 8.90 -5.47
C ASN A 41 12.86 7.76 -4.61
N VAL A 42 11.55 7.55 -4.57
CA VAL A 42 11.01 6.46 -3.78
C VAL A 42 11.27 5.13 -4.51
N ALA A 43 11.35 5.19 -5.84
CA ALA A 43 11.62 4.00 -6.64
C ALA A 43 13.12 3.69 -6.65
N LYS A 44 13.49 2.44 -6.42
CA LYS A 44 14.92 2.10 -6.45
C LYS A 44 15.36 1.58 -7.82
N ASP A 45 14.39 1.24 -8.66
CA ASP A 45 14.67 0.70 -9.97
C ASP A 45 13.53 1.16 -10.90
N VAL A 46 13.59 0.78 -12.16
CA VAL A 46 12.56 1.12 -13.12
C VAL A 46 11.17 0.72 -12.59
N ALA A 47 10.22 1.66 -12.65
CA ALA A 47 8.88 1.42 -12.12
C ALA A 47 7.77 1.95 -13.01
N PHE A 48 6.63 1.25 -12.99
CA PHE A 48 5.45 1.63 -13.76
C PHE A 48 4.83 2.94 -13.24
N LEU A 49 4.24 3.69 -14.17
CA LEU A 49 3.52 4.93 -13.88
C LEU A 49 2.09 4.62 -14.32
N GLY A 50 1.11 5.36 -13.80
CA GLY A 50 -0.27 5.13 -14.16
C GLY A 50 -0.66 5.84 -15.44
N ILE A 51 0.00 5.48 -16.52
CA ILE A 51 -0.23 6.10 -17.84
C ILE A 51 -0.14 5.01 -18.91
N THR A 52 -1.05 5.05 -19.89
CA THR A 52 -1.02 4.08 -20.97
C THR A 52 -1.65 4.71 -22.21
N ASP A 53 -1.36 4.12 -23.37
CA ASP A 53 -2.01 4.55 -24.61
C ASP A 53 -2.73 3.31 -25.15
N GLN A 54 -3.31 2.53 -24.23
CA GLN A 54 -4.04 1.32 -24.61
C GLN A 54 -5.32 1.66 -25.38
N ARG A 55 -6.07 2.66 -24.91
CA ARG A 55 -7.31 3.02 -25.58
C ARG A 55 -7.10 3.50 -27.01
N THR A 56 -6.14 4.42 -27.20
CA THR A 56 -5.81 4.95 -28.50
C THR A 56 -4.29 5.10 -28.60
N GLU A 57 -3.71 4.51 -29.64
CA GLU A 57 -2.27 4.56 -29.84
C GLU A 57 -1.76 5.99 -29.93
N ASN A 58 -0.68 6.24 -29.18
CA ASN A 58 0.00 7.54 -29.08
C ASN A 58 -0.80 8.62 -28.33
N VAL A 59 -1.89 8.21 -27.69
CA VAL A 59 -2.69 9.11 -26.89
C VAL A 59 -2.51 8.61 -25.46
N PHE A 60 -1.61 9.27 -24.73
CA PHE A 60 -1.31 8.87 -23.37
C PHE A 60 -2.20 9.49 -22.32
N GLU A 61 -2.88 8.63 -21.56
CA GLU A 61 -3.77 9.09 -20.52
C GLU A 61 -3.58 8.31 -19.23
N ASP A 62 -3.98 8.92 -18.11
CA ASP A 62 -3.85 8.27 -16.81
C ASP A 62 -4.89 7.17 -16.67
N LEU A 63 -4.83 6.43 -15.57
CA LEU A 63 -5.73 5.32 -15.38
C LEU A 63 -7.21 5.64 -15.24
N THR A 64 -7.54 6.93 -15.12
CA THR A 64 -8.93 7.36 -15.02
C THR A 64 -9.43 7.87 -16.37
N GLY A 65 -8.58 7.80 -17.39
CA GLY A 65 -8.98 8.25 -18.71
C GLY A 65 -8.65 9.69 -19.05
N ASN A 66 -7.96 10.37 -18.14
CA ASN A 66 -7.60 11.77 -18.37
C ASN A 66 -6.30 11.88 -19.14
N ARG A 67 -6.32 12.67 -20.20
CA ARG A 67 -5.12 12.85 -21.00
C ARG A 67 -4.02 13.50 -20.16
N VAL A 68 -2.79 13.02 -20.28
CA VAL A 68 -1.72 13.63 -19.49
C VAL A 68 -1.12 14.83 -20.20
N ARG A 69 -0.77 15.84 -19.42
CA ARG A 69 -0.17 17.05 -19.98
C ARG A 69 1.33 16.99 -19.80
N TYR A 70 1.79 16.99 -18.56
CA TYR A 70 3.22 16.89 -18.32
C TYR A 70 3.71 15.50 -18.77
N THR A 71 4.84 15.46 -19.45
CA THR A 71 5.47 14.21 -19.87
C THR A 71 6.97 14.41 -19.73
N ASN A 72 7.72 13.32 -19.64
CA ASN A 72 9.16 13.40 -19.50
C ASN A 72 9.83 12.22 -20.21
N TRP A 73 9.48 12.06 -21.48
CA TRP A 73 10.00 10.98 -22.30
C TRP A 73 11.52 10.98 -22.50
N ASN A 74 12.10 9.79 -22.44
CA ASN A 74 13.54 9.63 -22.69
C ASN A 74 13.67 9.91 -24.19
N GLU A 75 14.87 10.30 -24.65
CA GLU A 75 15.05 10.57 -26.07
C GLU A 75 14.71 9.35 -26.92
N GLY A 76 13.88 9.55 -27.94
CA GLY A 76 13.50 8.48 -28.82
C GLY A 76 12.22 7.79 -28.37
N GLU A 77 11.68 8.20 -27.23
CA GLU A 77 10.45 7.62 -26.70
C GLU A 77 9.33 8.63 -26.80
N PRO A 78 8.06 8.17 -26.92
CA PRO A 78 7.64 6.76 -26.95
C PRO A 78 7.81 6.21 -28.36
N ASN A 79 8.24 4.96 -28.49
CA ASN A 79 8.46 4.37 -29.81
C ASN A 79 7.62 3.14 -30.17
N ASN A 80 6.80 2.65 -29.23
CA ASN A 80 5.91 1.50 -29.47
C ASN A 80 6.60 0.35 -30.22
N VAL A 81 7.84 0.02 -29.84
CA VAL A 81 8.56 -1.03 -30.54
C VAL A 81 8.10 -2.45 -30.27
N GLY A 82 8.71 -3.40 -30.99
CA GLY A 82 8.33 -4.80 -30.83
C GLY A 82 6.95 -4.96 -31.43
N SER A 83 6.06 -5.65 -30.70
CA SER A 83 4.70 -5.84 -31.18
C SER A 83 3.78 -4.80 -30.53
N GLY A 84 4.39 -3.83 -29.87
CA GLY A 84 3.63 -2.78 -29.21
C GLY A 84 4.03 -2.55 -27.76
N GLU A 85 3.98 -1.30 -27.33
CA GLU A 85 4.31 -0.91 -25.96
C GLU A 85 3.28 0.14 -25.58
N ASN A 86 2.35 -0.24 -24.70
CA ASN A 86 1.27 0.67 -24.29
C ASN A 86 1.30 1.12 -22.84
N CYS A 87 2.31 0.68 -22.10
CA CYS A 87 2.45 1.07 -20.71
C CYS A 87 3.68 1.98 -20.60
N VAL A 88 3.85 2.64 -19.48
CA VAL A 88 4.95 3.57 -19.29
C VAL A 88 5.69 3.31 -17.98
N VAL A 89 7.03 3.38 -18.04
CA VAL A 89 7.86 3.21 -16.85
C VAL A 89 8.75 4.44 -16.68
N LEU A 90 9.11 4.71 -15.43
CA LEU A 90 10.00 5.81 -15.11
C LEU A 90 11.38 5.15 -14.93
N LEU A 91 12.34 5.59 -15.73
CA LEU A 91 13.69 5.08 -15.70
C LEU A 91 14.44 5.60 -14.46
N THR A 92 15.59 5.00 -14.16
CA THR A 92 16.36 5.44 -12.98
C THR A 92 16.96 6.87 -13.11
N ASN A 93 16.81 7.47 -14.28
CA ASN A 93 17.26 8.85 -14.48
C ASN A 93 16.05 9.80 -14.52
N GLY A 94 14.87 9.27 -14.19
CA GLY A 94 13.67 10.08 -14.16
C GLY A 94 12.94 10.27 -15.47
N LYS A 95 13.54 9.82 -16.57
CA LYS A 95 12.89 9.93 -17.89
C LYS A 95 11.93 8.76 -18.05
N TRP A 96 11.05 8.85 -19.04
CA TRP A 96 10.06 7.79 -19.27
C TRP A 96 10.31 6.94 -20.52
N ASN A 97 9.89 5.68 -20.46
CA ASN A 97 9.99 4.79 -21.62
C ASN A 97 8.68 4.01 -21.71
N ASP A 98 8.14 3.85 -22.92
CA ASP A 98 6.92 3.08 -23.09
C ASP A 98 7.39 1.61 -23.22
N VAL A 99 6.67 0.70 -22.55
CA VAL A 99 7.04 -0.71 -22.53
C VAL A 99 5.77 -1.57 -22.60
N PRO A 100 5.92 -2.88 -22.82
CA PRO A 100 4.76 -3.79 -22.87
C PRO A 100 4.12 -3.88 -21.49
N CYS A 101 2.79 -3.77 -21.43
CA CYS A 101 2.10 -3.86 -20.16
C CYS A 101 2.27 -5.22 -19.53
N SER A 102 2.63 -6.21 -20.33
CA SER A 102 2.84 -7.58 -19.86
C SER A 102 4.18 -7.80 -19.15
N ASP A 103 5.13 -6.89 -19.36
CA ASP A 103 6.44 -6.99 -18.72
C ASP A 103 6.36 -6.64 -17.22
N SER A 104 7.37 -7.04 -16.45
CA SER A 104 7.40 -6.81 -15.00
C SER A 104 8.37 -5.75 -14.55
N PHE A 105 7.88 -4.82 -13.72
CA PHE A 105 8.69 -3.72 -13.19
C PHE A 105 8.18 -3.44 -11.79
N LEU A 106 8.90 -2.60 -11.04
CA LEU A 106 8.44 -2.23 -9.71
C LEU A 106 7.22 -1.35 -9.94
N VAL A 107 6.51 -1.04 -8.87
CA VAL A 107 5.36 -0.17 -8.97
C VAL A 107 5.43 0.88 -7.87
N VAL A 108 5.11 2.12 -8.25
CA VAL A 108 5.07 3.20 -7.28
C VAL A 108 3.59 3.56 -7.21
N CYS A 109 3.02 3.46 -6.01
CA CYS A 109 1.61 3.76 -5.80
C CYS A 109 1.49 5.20 -5.29
N GLU A 110 0.36 5.81 -5.58
CA GLU A 110 0.09 7.20 -5.20
C GLU A 110 -1.17 7.23 -4.33
N PHE A 111 -1.12 7.99 -3.23
CA PHE A 111 -2.26 8.11 -2.31
C PHE A 111 -2.47 9.58 -1.97
N SER A 112 -3.73 9.95 -1.71
CA SER A 112 -4.06 11.33 -1.38
C SER A 112 -4.50 11.48 0.07
N LYS B 1 5.40 12.41 9.67
CA LYS B 1 4.11 11.99 10.28
C LYS B 1 3.73 10.62 9.70
N LYS B 2 2.87 9.89 10.40
CA LYS B 2 2.43 8.59 9.91
C LYS B 2 1.20 8.81 9.04
N TYR B 3 1.03 7.93 8.05
CA TYR B 3 -0.11 7.98 7.14
C TYR B 3 -0.68 6.57 7.26
N PHE B 4 -2.00 6.47 7.33
CA PHE B 4 -2.68 5.19 7.46
C PHE B 4 -3.58 4.96 6.24
N MET B 5 -3.56 3.75 5.70
CA MET B 5 -4.36 3.34 4.56
C MET B 5 -5.01 2.00 4.85
N SER B 6 -6.26 1.86 4.45
CA SER B 6 -7.00 0.63 4.69
C SER B 6 -7.12 -0.23 3.45
N SER B 7 -7.09 -1.56 3.66
CA SER B 7 -7.24 -2.50 2.56
C SER B 7 -8.72 -2.58 2.23
N VAL B 8 -9.02 -3.19 1.08
CA VAL B 8 -10.40 -3.38 0.63
C VAL B 8 -10.86 -4.78 1.03
N ARG B 9 -9.97 -5.75 0.92
CA ARG B 9 -10.30 -7.12 1.24
C ARG B 9 -9.83 -7.56 2.62
N ARG B 10 -10.45 -8.62 3.11
CA ARG B 10 -10.13 -9.19 4.40
C ARG B 10 -9.11 -10.33 4.23
N MET B 11 -8.22 -10.48 5.19
CA MET B 11 -7.17 -11.51 5.11
C MET B 11 -6.62 -11.76 6.50
N PRO B 12 -5.93 -12.93 6.71
CA PRO B 12 -5.36 -13.23 8.03
C PRO B 12 -4.09 -12.41 8.27
N LEU B 13 -3.57 -12.48 9.48
CA LEU B 13 -2.37 -11.72 9.83
C LEU B 13 -1.17 -11.85 8.88
N ASN B 14 -0.79 -13.08 8.53
CA ASN B 14 0.37 -13.28 7.65
C ASN B 14 0.24 -12.50 6.34
N ARG B 15 -0.97 -12.53 5.78
CA ARG B 15 -1.25 -11.83 4.53
C ARG B 15 -1.28 -10.31 4.74
N ALA B 16 -1.76 -9.88 5.90
CA ALA B 16 -1.83 -8.45 6.24
C ALA B 16 -0.40 -7.89 6.28
N LYS B 17 0.48 -8.62 6.94
CA LYS B 17 1.88 -8.27 7.06
C LYS B 17 2.49 -8.16 5.66
N ALA B 18 2.29 -9.20 4.86
CA ALA B 18 2.80 -9.25 3.50
C ALA B 18 2.34 -8.07 2.65
N LEU B 19 1.07 -7.70 2.77
CA LEU B 19 0.53 -6.57 2.01
C LEU B 19 1.22 -5.23 2.37
N CYS B 20 1.25 -4.90 3.66
CA CYS B 20 1.85 -3.65 4.10
C CYS B 20 3.35 -3.60 3.74
N SER B 21 4.06 -4.70 3.94
CA SER B 21 5.49 -4.74 3.62
C SER B 21 5.77 -4.65 2.12
N GLU B 22 4.80 -5.02 1.30
CA GLU B 22 4.98 -4.94 -0.15
C GLU B 22 5.26 -3.49 -0.58
N LEU B 23 4.67 -2.55 0.15
CA LEU B 23 4.87 -1.14 -0.13
C LEU B 23 5.76 -0.49 0.92
N GLN B 24 6.54 -1.34 1.58
CA GLN B 24 7.50 -0.94 2.61
C GLN B 24 6.88 -0.26 3.82
N GLY B 25 5.68 -0.71 4.18
CA GLY B 25 5.01 -0.16 5.34
C GLY B 25 4.87 -1.29 6.35
N THR B 26 4.14 -1.04 7.43
CA THR B 26 3.92 -2.07 8.43
C THR B 26 2.44 -2.02 8.79
N VAL B 27 1.97 -3.02 9.52
CA VAL B 27 0.57 -3.06 9.93
C VAL B 27 0.43 -1.99 11.02
N ALA B 28 -0.59 -1.13 10.90
CA ALA B 28 -0.81 -0.03 11.82
C ALA B 28 -0.79 -0.34 13.31
N THR B 29 0.02 0.41 14.05
CA THR B 29 0.15 0.27 15.50
C THR B 29 -0.03 1.63 16.15
N PRO B 30 -1.24 1.91 16.66
CA PRO B 30 -1.49 3.21 17.30
C PRO B 30 -0.68 3.36 18.58
N ARG B 31 0.00 4.51 18.73
CA ARG B 31 0.83 4.76 19.91
C ARG B 31 0.16 5.69 20.91
N ASN B 32 -1.02 6.18 20.55
CA ASN B 32 -1.78 7.11 21.40
C ASN B 32 -3.21 7.25 20.84
N ALA B 33 -4.08 7.97 21.54
CA ALA B 33 -5.45 8.13 21.09
C ALA B 33 -5.64 8.85 19.75
N GLU B 34 -4.75 9.79 19.45
CA GLU B 34 -4.81 10.54 18.20
C GLU B 34 -4.64 9.57 17.02
N GLU B 35 -3.64 8.71 17.11
CA GLU B 35 -3.38 7.73 16.06
C GLU B 35 -4.49 6.70 16.00
N ASN B 36 -5.03 6.33 17.16
CA ASN B 36 -6.10 5.33 17.20
C ASN B 36 -7.30 5.86 16.42
N ARG B 37 -7.62 7.14 16.61
CA ARG B 37 -8.74 7.77 15.92
C ARG B 37 -8.42 7.95 14.42
N ALA B 38 -7.15 8.19 14.10
CA ALA B 38 -6.72 8.34 12.71
C ALA B 38 -6.93 7.00 11.97
N ILE B 39 -6.70 5.91 12.67
CA ILE B 39 -6.88 4.58 12.10
C ILE B 39 -8.38 4.33 11.98
N GLN B 40 -9.16 4.79 12.97
CA GLN B 40 -10.62 4.65 12.93
C GLN B 40 -11.16 5.33 11.68
N ASN B 41 -10.67 6.54 11.40
CA ASN B 41 -11.12 7.30 10.24
C ASN B 41 -11.00 6.54 8.92
N VAL B 42 -9.98 5.70 8.77
CA VAL B 42 -9.78 4.95 7.54
C VAL B 42 -10.37 3.54 7.51
N ALA B 43 -10.52 2.93 8.68
CA ALA B 43 -11.09 1.59 8.78
C ALA B 43 -12.62 1.62 8.81
N LYS B 44 -13.25 1.16 7.73
CA LYS B 44 -14.71 1.14 7.63
C LYS B 44 -15.33 -0.07 8.34
N ASP B 45 -14.49 -1.03 8.68
CA ASP B 45 -14.93 -2.24 9.36
C ASP B 45 -13.75 -2.70 10.22
N VAL B 46 -14.00 -3.71 11.06
CA VAL B 46 -12.99 -4.29 11.94
C VAL B 46 -11.68 -4.55 11.18
N ALA B 47 -10.58 -4.05 11.73
CA ALA B 47 -9.28 -4.17 11.08
C ALA B 47 -8.12 -4.57 11.99
N PHE B 48 -7.18 -5.33 11.43
CA PHE B 48 -6.00 -5.78 12.17
C PHE B 48 -5.08 -4.60 12.51
N LEU B 49 -4.47 -4.68 13.71
CA LEU B 49 -3.48 -3.73 14.19
C LEU B 49 -2.20 -4.56 14.31
N GLY B 50 -1.03 -3.93 14.27
CA GLY B 50 0.22 -4.67 14.35
C GLY B 50 0.65 -4.96 15.77
N ILE B 51 -0.15 -5.74 16.47
CA ILE B 51 0.11 -6.06 17.86
C ILE B 51 -0.27 -7.52 18.08
N THR B 52 0.55 -8.23 18.86
CA THR B 52 0.28 -9.63 19.17
C THR B 52 0.93 -9.99 20.50
N ASP B 53 0.42 -11.06 21.11
CA ASP B 53 1.01 -11.59 22.33
C ASP B 53 1.44 -13.02 22.00
N GLN B 54 1.89 -13.21 20.76
CA GLN B 54 2.34 -14.51 20.30
C GLN B 54 3.58 -15.01 21.07
N ARG B 55 4.50 -14.11 21.45
CA ARG B 55 5.70 -14.52 22.18
C ARG B 55 5.34 -15.07 23.57
N THR B 56 4.76 -14.22 24.41
CA THR B 56 4.35 -14.62 25.74
C THR B 56 2.91 -14.18 25.91
N GLU B 57 2.04 -15.11 26.31
CA GLU B 57 0.64 -14.79 26.49
C GLU B 57 0.40 -13.60 27.43
N ASN B 58 -0.41 -12.67 26.96
CA ASN B 58 -0.79 -11.47 27.69
C ASN B 58 0.28 -10.38 27.76
N VAL B 59 1.32 -10.53 26.97
CA VAL B 59 2.37 -9.51 26.88
C VAL B 59 2.28 -9.06 25.43
N PHE B 60 1.68 -7.89 25.22
CA PHE B 60 1.48 -7.36 23.88
C PHE B 60 2.61 -6.54 23.32
N GLU B 61 3.10 -6.99 22.17
CA GLU B 61 4.21 -6.37 21.48
C GLU B 61 3.81 -5.98 20.07
N ASP B 62 4.48 -4.98 19.50
CA ASP B 62 4.22 -4.62 18.11
C ASP B 62 4.88 -5.69 17.26
N LEU B 63 4.76 -5.60 15.93
CA LEU B 63 5.33 -6.62 15.07
C LEU B 63 6.86 -6.72 15.07
N THR B 64 7.54 -5.74 15.66
CA THR B 64 9.00 -5.78 15.74
C THR B 64 9.44 -6.31 17.12
N GLY B 65 8.50 -6.87 17.88
CA GLY B 65 8.82 -7.41 19.20
C GLY B 65 9.06 -6.36 20.25
N ASN B 66 8.45 -5.20 20.07
CA ASN B 66 8.61 -4.09 21.00
C ASN B 66 7.32 -3.97 21.80
N ARG B 67 7.42 -4.15 23.12
CA ARG B 67 6.27 -4.10 24.01
C ARG B 67 5.50 -2.77 23.91
N VAL B 68 4.19 -2.85 23.74
CA VAL B 68 3.37 -1.65 23.59
C VAL B 68 3.01 -1.01 24.93
N ARG B 69 2.74 0.28 24.89
CA ARG B 69 2.37 1.03 26.08
C ARG B 69 0.88 1.35 25.97
N TYR B 70 0.51 2.20 25.02
CA TYR B 70 -0.88 2.56 24.82
C TYR B 70 -1.72 1.34 24.39
N THR B 71 -2.88 1.17 25.01
CA THR B 71 -3.80 0.10 24.64
C THR B 71 -5.19 0.70 24.74
N ASN B 72 -6.15 0.12 24.02
CA ASN B 72 -7.52 0.65 24.08
C ASN B 72 -8.51 -0.51 24.02
N TRP B 73 -8.30 -1.48 24.90
CA TRP B 73 -9.12 -2.68 24.95
C TRP B 73 -10.58 -2.46 25.20
N ASN B 74 -11.39 -3.23 24.50
CA ASN B 74 -12.84 -3.18 24.64
C ASN B 74 -13.10 -3.80 26.02
N GLU B 75 -14.26 -3.53 26.60
CA GLU B 75 -14.58 -4.09 27.90
C GLU B 75 -14.58 -5.61 27.80
N GLY B 76 -13.87 -6.26 28.71
CA GLY B 76 -13.80 -7.71 28.71
C GLY B 76 -12.59 -8.27 27.96
N GLU B 77 -11.92 -7.41 27.20
CA GLU B 77 -10.75 -7.81 26.43
C GLU B 77 -9.48 -7.33 27.10
N PRO B 78 -8.35 -8.02 26.87
CA PRO B 78 -8.24 -9.22 26.03
C PRO B 78 -8.67 -10.44 26.84
N ASN B 79 -9.33 -11.40 26.20
CA ASN B 79 -9.80 -12.58 26.92
C ASN B 79 -9.24 -13.93 26.47
N ASN B 80 -8.48 -13.94 25.38
CA ASN B 80 -7.85 -15.15 24.86
C ASN B 80 -8.79 -16.36 24.77
N VAL B 81 -9.96 -16.17 24.15
CA VAL B 81 -10.95 -17.25 24.07
C VAL B 81 -10.57 -18.43 23.18
N GLY B 82 -11.22 -19.56 23.48
CA GLY B 82 -11.02 -20.78 22.73
C GLY B 82 -9.62 -21.30 22.66
N SER B 83 -9.22 -21.69 21.46
CA SER B 83 -7.88 -22.21 21.20
C SER B 83 -6.82 -21.12 21.27
N GLY B 84 -7.22 -19.91 21.68
CA GLY B 84 -6.28 -18.83 21.79
C GLY B 84 -6.48 -17.71 20.79
N GLU B 85 -6.30 -16.48 21.27
CA GLU B 85 -6.43 -15.28 20.45
C GLU B 85 -5.16 -14.47 20.73
N ASN B 86 -4.27 -14.42 19.74
CA ASN B 86 -2.99 -13.73 19.91
C ASN B 86 -2.78 -12.52 19.00
N CYS B 87 -3.80 -12.14 18.24
CA CYS B 87 -3.69 -10.98 17.37
C CYS B 87 -4.70 -9.97 17.87
N VAL B 88 -4.62 -8.75 17.36
CA VAL B 88 -5.48 -7.67 17.82
C VAL B 88 -6.16 -6.93 16.66
N VAL B 89 -7.42 -6.59 16.85
CA VAL B 89 -8.16 -5.83 15.83
C VAL B 89 -8.80 -4.61 16.47
N LEU B 90 -9.02 -3.59 15.64
CA LEU B 90 -9.68 -2.35 16.03
C LEU B 90 -11.14 -2.51 15.61
N LEU B 91 -12.02 -2.51 16.60
CA LEU B 91 -13.45 -2.62 16.36
C LEU B 91 -13.97 -1.33 15.78
N THR B 92 -15.21 -1.35 15.28
CA THR B 92 -15.78 -0.13 14.68
C THR B 92 -16.06 1.03 15.67
N ASN B 93 -15.87 0.80 16.97
CA ASN B 93 -16.05 1.85 17.97
C ASN B 93 -14.68 2.33 18.47
N GLY B 94 -13.62 1.84 17.82
CA GLY B 94 -12.28 2.22 18.19
C GLY B 94 -11.62 1.40 19.29
N LYS B 95 -12.38 0.56 19.96
CA LYS B 95 -11.84 -0.28 21.02
C LYS B 95 -11.19 -1.51 20.39
N TRP B 96 -10.30 -2.17 21.14
CA TRP B 96 -9.60 -3.34 20.62
C TRP B 96 -10.16 -4.66 21.13
N ASN B 97 -9.91 -5.72 20.35
CA ASN B 97 -10.30 -7.07 20.73
C ASN B 97 -9.18 -8.01 20.28
N ASP B 98 -8.84 -8.98 21.11
CA ASP B 98 -7.85 -9.96 20.70
C ASP B 98 -8.61 -11.03 19.92
N VAL B 99 -8.05 -11.48 18.80
CA VAL B 99 -8.70 -12.48 17.94
C VAL B 99 -7.69 -13.50 17.42
N PRO B 100 -8.17 -14.60 16.80
CA PRO B 100 -7.21 -15.58 16.27
C PRO B 100 -6.46 -14.96 15.10
N CYS B 101 -5.14 -15.15 15.07
CA CYS B 101 -4.34 -14.60 13.99
C CYS B 101 -4.71 -15.19 12.64
N SER B 102 -5.33 -16.38 12.66
CA SER B 102 -5.74 -17.02 11.42
C SER B 102 -7.08 -16.51 10.86
N ASP B 103 -7.82 -15.73 11.65
CA ASP B 103 -9.11 -15.19 11.19
C ASP B 103 -8.85 -14.00 10.26
N SER B 104 -9.77 -13.75 9.33
CA SER B 104 -9.63 -12.66 8.37
C SER B 104 -10.31 -11.35 8.76
N PHE B 105 -9.61 -10.24 8.51
CA PHE B 105 -10.13 -8.90 8.81
C PHE B 105 -9.47 -7.94 7.84
N LEU B 106 -10.00 -6.71 7.76
CA LEU B 106 -9.38 -5.72 6.89
C LEU B 106 -8.06 -5.40 7.57
N VAL B 107 -7.15 -4.75 6.86
CA VAL B 107 -5.86 -4.37 7.45
C VAL B 107 -5.61 -2.89 7.21
N VAL B 108 -5.06 -2.22 8.21
CA VAL B 108 -4.71 -0.82 8.06
C VAL B 108 -3.17 -0.83 8.07
N CYS B 109 -2.58 -0.26 7.03
CA CYS B 109 -1.13 -0.20 6.91
C CYS B 109 -0.68 1.19 7.37
N GLU B 110 0.54 1.24 7.89
CA GLU B 110 1.11 2.47 8.40
C GLU B 110 2.40 2.77 7.65
N PHE B 111 2.58 4.04 7.28
CA PHE B 111 3.76 4.52 6.55
C PHE B 111 4.17 5.84 7.16
N SER B 112 5.43 6.23 6.97
CA SER B 112 5.92 7.51 7.49
C SER B 112 7.12 8.02 6.69
C1 MMA C . 14.21 -1.63 -25.49
C2 MMA C . 12.86 -1.36 -24.75
C3 MMA C . 12.08 -0.30 -25.51
C4 MMA C . 12.92 0.97 -25.70
C5 MMA C . 14.24 0.63 -26.39
C6 MMA C . 15.17 1.83 -26.46
O1 MMA C . 13.97 -2.03 -26.80
O2 MMA C . 13.10 -0.94 -23.40
O3 MMA C . 10.89 0.06 -24.81
O4 MMA C . 12.21 1.92 -26.48
O5 MMA C . 14.94 -0.40 -25.63
O6 MMA C . 16.42 1.46 -27.00
C1 MMA D . -4.99 -2.37 -19.33
C2 MMA D . -6.46 -2.79 -19.52
C3 MMA D . -7.26 -1.66 -20.17
C4 MMA D . -7.07 -0.35 -19.38
C5 MMA D . -5.59 -0.04 -19.16
C6 MMA D . -5.38 1.15 -18.24
C7 MMA D . -2.95 -1.94 -20.52
O1 MMA D . -4.39 -2.19 -20.58
O2 MMA D . -7.04 -3.13 -18.28
O3 MMA D . -8.65 -2.00 -20.15
O4 MMA D . -7.65 0.73 -20.10
O5 MMA D . -4.93 -1.18 -18.54
O6 MMA D . -5.89 0.89 -16.92
CA CA E . 1.69 2.30 -27.64
CA CA F . 9.83 2.19 -25.79
CL CL G . 1.47 -3.24 -24.14
C1 MMA H . -16.08 -13.63 20.29
C2 MMA H . -14.72 -13.20 19.76
C3 MMA H . -13.80 -12.87 20.93
C4 MMA H . -14.44 -11.82 21.84
C5 MMA H . -15.84 -12.24 22.25
C6 MMA H . -16.56 -11.10 22.97
C7 MMA H . -17.20 -15.42 21.40
O1 MMA H . -15.95 -14.83 21.00
O2 MMA H . -14.88 -12.06 18.92
O3 MMA H . -12.55 -12.38 20.46
O4 MMA H . -13.64 -11.64 22.99
O5 MMA H . -16.63 -12.58 21.10
O6 MMA H . -17.90 -11.43 23.31
CA CA I . -3.41 -14.22 23.58
CA CA J . -11.20 -11.61 22.51
#